data_2YP3
#
_entry.id   2YP3
#
_cell.length_a   101.130
_cell.length_b   101.130
_cell.length_c   387.880
_cell.angle_alpha   90.00
_cell.angle_beta   90.00
_cell.angle_gamma   120.00
#
_symmetry.space_group_name_H-M   'H 3 2'
#
loop_
_entity.id
_entity.type
_entity.pdbx_description
1 polymer HEMAGGLUTININ
2 branched alpha-D-mannopyranose-(1-4)-2-acetamido-2-deoxy-beta-D-glucopyranose-(1-4)-2-acetamido-2-deoxy-beta-D-glucopyranose
3 branched 2-acetamido-2-deoxy-beta-D-glucopyranose-(1-4)-2-acetamido-2-deoxy-beta-D-glucopyranose
4 branched 'N-acetyl-alpha-neuraminic acid-(2-6)-beta-D-galactopyranose-(1-4)-2-acetamido-2-deoxy-beta-D-glucopyranose'
5 non-polymer 2-acetamido-2-deoxy-beta-D-glucopyranose
6 non-polymer '4-(2-HYDROXYETHYL)-1-PIPERAZINE ETHANESULFONIC ACID'
7 non-polymer TRIS(HYDROXYETHYL)AMINOMETHANE
8 water water
#
_entity_poly.entity_id   1
_entity_poly.type   'polypeptide(L)'
_entity_poly.pdbx_seq_one_letter_code
;QKLPGNDNSTATLCLGHHAVPNGTIVKTITNDQIEVTNATELVQSSSTGGICDSPHQILDGENCTLIDALLGDPQCDGFQ
NKKWDLFVERSKAYSNCYPYDVPDYASLRSLVASSGTLEFNNESFNWTGVTQNGTSSACKRRSNNSFFSRLNWLTHLKFK
YPALNVTMPNNEKFDKLYIWGVHHPGTDNDQISLYAQASGRITVSTKRSQQTVIPNIGSRPRVRDIPSRISIYWTIVKPG
DILLINSTGNLIAPRGYFKIRSGKSSIMRSDAPIGKCNSECITPNGSIPNDKPFQNVNRITYGACPRYVKQNTLKLATGM
RNVPEKQTQGIFGAIAGFIENGWEGMVDGWYGFRHQNSEGIGQAADLKSTQAAINQINGKLNRLIGKTNEKFHQIEKEFS
EVEGRIQDLEKYVEDTKIDLWSYNAELLVALENQHTIDLTDSEMNKLFERTKKQLRENAEDMGNGCFKIYHKCDNACIGS
IRNGTYDHDVYRDEALNNRFQIK
;
_entity_poly.pdbx_strand_id   A
#
# COMPACT_ATOMS: atom_id res chain seq x y z
N ASN A 8 39.14 -49.14 -15.24
CA ASN A 8 40.23 -50.15 -15.07
C ASN A 8 40.18 -50.75 -13.66
N SER A 9 39.15 -51.56 -13.41
CA SER A 9 38.90 -52.18 -12.11
C SER A 9 38.34 -51.19 -11.06
N THR A 10 38.14 -49.93 -11.45
CA THR A 10 37.53 -48.93 -10.56
C THR A 10 36.60 -48.02 -11.35
N ALA A 11 35.87 -47.20 -10.61
CA ALA A 11 35.02 -46.21 -11.18
C ALA A 11 35.11 -44.96 -10.31
N THR A 12 34.66 -43.84 -10.87
CA THR A 12 34.54 -42.57 -10.14
C THR A 12 33.11 -42.14 -10.17
N LEU A 13 32.58 -41.72 -9.01
CA LEU A 13 31.25 -41.16 -8.90
C LEU A 13 31.34 -39.79 -8.19
N CYS A 14 30.99 -38.74 -8.92
CA CYS A 14 31.02 -37.36 -8.42
C CYS A 14 29.60 -36.87 -8.16
N LEU A 15 29.45 -36.14 -7.04
CA LEU A 15 28.23 -35.44 -6.73
C LEU A 15 28.42 -33.95 -7.02
N GLY A 16 27.38 -33.31 -7.54
CA GLY A 16 27.49 -31.93 -7.98
C GLY A 16 26.15 -31.22 -8.03
N HIS A 17 26.21 -29.94 -8.38
CA HIS A 17 25.05 -29.11 -8.51
C HIS A 17 25.21 -28.18 -9.68
N HIS A 18 24.09 -27.70 -10.20
CA HIS A 18 24.11 -26.84 -11.37
C HIS A 18 24.72 -25.49 -11.10
N ALA A 19 24.96 -24.78 -12.20
CA ALA A 19 25.47 -23.43 -12.21
C ALA A 19 24.95 -22.81 -13.50
N VAL A 20 24.82 -21.48 -13.54
CA VAL A 20 24.25 -20.81 -14.70
C VAL A 20 25.22 -19.76 -15.16
N PRO A 21 25.14 -19.39 -16.45
CA PRO A 21 26.08 -18.38 -16.93
C PRO A 21 25.73 -16.97 -16.44
N ASN A 22 24.45 -16.71 -16.18
CA ASN A 22 23.99 -15.36 -15.80
C ASN A 22 23.40 -15.29 -14.38
N GLY A 23 24.25 -15.36 -13.37
CA GLY A 23 23.79 -15.33 -11.96
C GLY A 23 23.42 -13.92 -11.51
N THR A 24 22.85 -13.80 -10.31
CA THR A 24 22.45 -12.49 -9.75
C THR A 24 23.01 -12.31 -8.34
N ILE A 25 23.38 -11.08 -8.01
CA ILE A 25 24.01 -10.79 -6.72
C ILE A 25 22.94 -10.49 -5.67
N VAL A 26 23.06 -11.14 -4.51
CA VAL A 26 22.16 -10.87 -3.38
C VAL A 26 22.95 -10.67 -2.10
N LYS A 27 22.27 -10.22 -1.05
CA LYS A 27 22.86 -10.01 0.25
C LYS A 27 22.37 -11.08 1.24
N THR A 28 23.29 -11.63 2.03
CA THR A 28 22.94 -12.53 3.12
C THR A 28 23.52 -11.95 4.41
N ILE A 29 23.38 -12.69 5.51
CA ILE A 29 24.04 -12.33 6.75
C ILE A 29 25.55 -12.52 6.65
N THR A 30 25.98 -13.58 5.96
CA THR A 30 27.40 -13.90 5.81
C THR A 30 28.12 -13.00 4.79
N ASN A 31 27.44 -12.63 3.70
CA ASN A 31 28.06 -11.90 2.58
C ASN A 31 27.22 -10.69 2.16
N ASP A 32 27.83 -9.51 2.06
CA ASP A 32 27.18 -8.36 1.47
C ASP A 32 26.81 -8.59 0.01
N GLN A 33 27.62 -9.38 -0.69
CA GLN A 33 27.38 -9.71 -2.08
C GLN A 33 27.72 -11.16 -2.30
N ILE A 34 26.74 -11.95 -2.71
CA ILE A 34 27.00 -13.34 -3.09
C ILE A 34 26.17 -13.64 -4.31
N GLU A 35 26.79 -14.27 -5.30
CA GLU A 35 26.08 -14.59 -6.50
C GLU A 35 25.30 -15.90 -6.36
N VAL A 36 24.03 -15.84 -6.72
CA VAL A 36 23.15 -16.99 -6.77
C VAL A 36 22.62 -17.21 -8.19
N THR A 37 21.98 -18.35 -8.42
CA THR A 37 21.53 -18.71 -9.76
C THR A 37 20.36 -17.87 -10.22
N ASN A 38 19.57 -17.35 -9.27
CA ASN A 38 18.40 -16.61 -9.63
C ASN A 38 17.89 -15.87 -8.38
N ALA A 39 17.16 -14.80 -8.62
CA ALA A 39 16.59 -14.00 -7.55
C ALA A 39 15.32 -13.32 -8.06
N THR A 40 14.52 -12.83 -7.13
CA THR A 40 13.33 -12.07 -7.48
C THR A 40 13.25 -10.78 -6.66
N GLU A 41 12.70 -9.75 -7.28
CA GLU A 41 12.62 -8.42 -6.68
C GLU A 41 11.45 -8.32 -5.71
N LEU A 42 11.71 -7.85 -4.49
CA LEU A 42 10.65 -7.69 -3.48
C LEU A 42 10.17 -6.24 -3.26
N VAL A 43 10.79 -5.27 -3.92
CA VAL A 43 10.33 -3.88 -3.86
C VAL A 43 9.72 -3.46 -5.19
N GLN A 44 8.42 -3.13 -5.15
CA GLN A 44 7.73 -2.55 -6.30
C GLN A 44 8.19 -1.11 -6.49
N SER A 45 8.77 -0.80 -7.64
CA SER A 45 9.31 0.54 -7.86
C SER A 45 8.69 1.31 -9.03
N SER A 46 7.76 0.71 -9.75
CA SER A 46 7.09 1.40 -10.83
C SER A 46 5.58 1.38 -10.67
N SER A 47 4.91 2.36 -11.30
CA SER A 47 3.47 2.39 -11.48
C SER A 47 3.16 2.60 -12.97
N THR A 48 1.99 2.13 -13.41
CA THR A 48 1.42 2.45 -14.73
C THR A 48 1.27 3.94 -14.94
N GLY A 49 1.00 4.65 -13.85
CA GLY A 49 0.81 6.08 -13.90
C GLY A 49 -0.65 6.44 -13.90
N GLY A 50 -1.55 5.45 -14.03
CA GLY A 50 -2.98 5.68 -13.90
C GLY A 50 -3.63 5.02 -12.68
N ILE A 51 -4.66 5.67 -12.14
CA ILE A 51 -5.49 5.10 -11.08
C ILE A 51 -6.61 4.25 -11.70
N CYS A 52 -6.54 2.94 -11.48
CA CYS A 52 -7.56 2.00 -11.99
C CYS A 52 -8.90 2.22 -11.29
N ASP A 53 -9.97 2.31 -12.09
CA ASP A 53 -11.32 2.57 -11.56
C ASP A 53 -11.96 1.37 -10.89
N SER A 54 -11.30 0.22 -10.97
CA SER A 54 -11.75 -1.00 -10.30
C SER A 54 -10.61 -1.56 -9.44
N PRO A 55 -10.93 -2.27 -8.32
CA PRO A 55 -12.27 -2.63 -7.82
C PRO A 55 -12.85 -1.65 -6.79
N HIS A 56 -12.12 -0.57 -6.50
CA HIS A 56 -12.60 0.43 -5.54
C HIS A 56 -13.43 1.46 -6.27
N GLN A 57 -14.43 2.00 -5.57
CA GLN A 57 -15.26 3.06 -6.13
C GLN A 57 -14.53 4.38 -6.06
N ILE A 58 -14.14 4.89 -7.22
CA ILE A 58 -13.37 6.12 -7.33
C ILE A 58 -14.31 7.28 -7.61
N LEU A 59 -14.10 8.39 -6.93
CA LEU A 59 -14.79 9.62 -7.29
C LEU A 59 -13.73 10.65 -7.62
N ASP A 60 -13.66 11.02 -8.89
CA ASP A 60 -12.70 12.04 -9.37
C ASP A 60 -13.28 13.40 -9.13
N GLY A 61 -12.65 14.17 -8.26
CA GLY A 61 -13.17 15.48 -7.91
C GLY A 61 -13.09 16.50 -9.03
N GLU A 62 -12.26 16.26 -10.04
CA GLU A 62 -12.10 17.20 -11.15
C GLU A 62 -11.75 18.59 -10.64
N ASN A 63 -12.58 19.61 -10.89
CA ASN A 63 -12.26 20.95 -10.40
C ASN A 63 -12.70 21.21 -8.97
N CYS A 64 -13.27 20.19 -8.32
CA CYS A 64 -13.85 20.33 -6.99
C CYS A 64 -13.07 19.61 -5.91
N THR A 65 -12.79 20.33 -4.82
CA THR A 65 -12.38 19.69 -3.58
C THR A 65 -13.60 19.01 -2.98
N LEU A 66 -13.36 18.10 -2.04
CA LEU A 66 -14.45 17.47 -1.30
C LEU A 66 -15.30 18.53 -0.59
N ILE A 67 -14.65 19.49 0.08
CA ILE A 67 -15.40 20.50 0.84
C ILE A 67 -16.28 21.34 -0.12
N ASP A 68 -15.77 21.69 -1.30
CA ASP A 68 -16.62 22.41 -2.27
C ASP A 68 -17.81 21.57 -2.74
N ALA A 69 -17.58 20.28 -2.96
CA ALA A 69 -18.66 19.37 -3.31
C ALA A 69 -19.67 19.22 -2.15
N LEU A 70 -19.19 19.27 -0.92
CA LEU A 70 -20.05 19.21 0.26
C LEU A 70 -20.96 20.47 0.38
N LEU A 71 -20.35 21.64 0.29
CA LEU A 71 -21.07 22.90 0.45
C LEU A 71 -22.01 23.11 -0.72
N GLY A 72 -21.58 22.68 -1.91
CA GLY A 72 -22.43 22.77 -3.10
C GLY A 72 -22.07 23.96 -3.99
N ASP A 73 -20.77 24.16 -4.18
CA ASP A 73 -20.24 25.07 -5.21
C ASP A 73 -20.88 24.65 -6.57
N PRO A 74 -21.43 25.61 -7.33
CA PRO A 74 -22.17 25.29 -8.58
C PRO A 74 -21.48 24.29 -9.52
N GLN A 75 -20.18 24.42 -9.71
CA GLN A 75 -19.44 23.49 -10.57
C GLN A 75 -19.42 22.05 -10.05
N CYS A 76 -19.81 21.86 -8.79
CA CYS A 76 -19.82 20.54 -8.14
C CYS A 76 -21.24 19.93 -8.04
N ASP A 77 -22.24 20.54 -8.67
CA ASP A 77 -23.62 20.05 -8.56
C ASP A 77 -23.76 18.58 -8.95
N GLY A 78 -22.94 18.15 -9.91
CA GLY A 78 -22.95 16.78 -10.38
C GLY A 78 -22.58 15.75 -9.31
N PHE A 79 -21.97 16.21 -8.22
CA PHE A 79 -21.52 15.32 -7.14
C PHE A 79 -22.59 15.01 -6.11
N GLN A 80 -23.74 15.69 -6.17
CA GLN A 80 -24.74 15.55 -5.12
C GLN A 80 -25.05 14.09 -4.82
N ASN A 81 -25.01 13.76 -3.53
CA ASN A 81 -25.42 12.45 -3.01
C ASN A 81 -24.54 11.25 -3.37
N LYS A 82 -23.44 11.47 -4.09
CA LYS A 82 -22.56 10.35 -4.50
C LYS A 82 -21.79 9.78 -3.32
N LYS A 83 -21.35 8.52 -3.47
CA LYS A 83 -20.49 7.84 -2.52
C LYS A 83 -19.15 7.48 -3.17
N TRP A 84 -18.20 7.07 -2.34
CA TRP A 84 -16.89 6.68 -2.82
C TRP A 84 -16.21 5.80 -1.83
N ASP A 85 -15.30 5.00 -2.35
CA ASP A 85 -14.24 4.41 -1.53
C ASP A 85 -13.08 5.40 -1.46
N LEU A 86 -12.71 5.99 -2.60
CA LEU A 86 -11.62 6.96 -2.65
C LEU A 86 -12.02 8.18 -3.46
N PHE A 87 -12.02 9.34 -2.79
CA PHE A 87 -12.25 10.61 -3.42
C PHE A 87 -10.90 11.13 -3.87
N VAL A 88 -10.76 11.48 -5.14
CA VAL A 88 -9.47 11.92 -5.67
C VAL A 88 -9.52 13.42 -5.95
N GLU A 89 -8.70 14.18 -5.21
CA GLU A 89 -8.65 15.64 -5.32
C GLU A 89 -7.49 16.05 -6.20
N ARG A 90 -7.78 16.91 -7.18
CA ARG A 90 -6.83 17.29 -8.20
C ARG A 90 -6.15 18.60 -7.83
N SER A 91 -4.88 18.77 -8.24
CA SER A 91 -4.19 20.01 -7.92
C SER A 91 -4.82 21.22 -8.63
N LYS A 92 -5.46 20.99 -9.77
CA LYS A 92 -6.11 22.07 -10.54
C LYS A 92 -7.38 22.60 -9.89
N ALA A 93 -7.86 21.94 -8.83
CA ALA A 93 -9.16 22.27 -8.25
C ALA A 93 -9.16 23.71 -7.75
N TYR A 94 -10.28 24.40 -7.92
CA TYR A 94 -10.42 25.79 -7.48
C TYR A 94 -11.86 26.06 -7.04
N SER A 95 -12.03 26.97 -6.10
CA SER A 95 -13.35 27.37 -5.64
C SER A 95 -13.89 28.49 -6.51
N ASN A 96 -15.20 28.47 -6.78
CA ASN A 96 -15.83 29.45 -7.65
C ASN A 96 -17.19 29.91 -7.12
N CYS A 97 -17.25 30.21 -5.82
CA CYS A 97 -18.48 30.61 -5.16
C CYS A 97 -18.11 31.67 -4.12
N TYR A 98 -18.91 31.83 -3.08
CA TYR A 98 -18.63 32.88 -2.09
C TYR A 98 -17.35 32.56 -1.34
N PRO A 99 -16.47 33.57 -1.17
CA PRO A 99 -15.22 33.28 -0.47
C PRO A 99 -15.48 32.82 0.96
N TYR A 100 -14.85 31.71 1.35
CA TYR A 100 -15.07 31.13 2.65
C TYR A 100 -13.78 30.53 3.21
N ASP A 101 -13.80 30.26 4.52
CA ASP A 101 -12.79 29.44 5.16
C ASP A 101 -13.51 28.47 6.10
N VAL A 102 -12.75 27.47 6.56
CA VAL A 102 -13.23 26.49 7.51
C VAL A 102 -12.18 26.38 8.60
N PRO A 103 -12.50 26.90 9.79
CA PRO A 103 -11.59 26.63 10.89
C PRO A 103 -11.48 25.11 11.06
N ASP A 104 -10.28 24.57 11.20
CA ASP A 104 -10.12 23.09 11.17
C ASP A 104 -10.74 22.44 9.91
N TYR A 105 -10.47 23.08 8.78
CA TYR A 105 -10.69 22.51 7.46
C TYR A 105 -10.21 21.05 7.37
N ALA A 106 -9.00 20.77 7.85
CA ALA A 106 -8.44 19.40 7.70
C ALA A 106 -9.29 18.35 8.39
N SER A 107 -9.85 18.70 9.55
CA SER A 107 -10.72 17.73 10.23
C SER A 107 -12.04 17.49 9.52
N LEU A 108 -12.65 18.52 8.96
CA LEU A 108 -13.97 18.33 8.30
C LEU A 108 -13.78 17.53 7.01
N ARG A 109 -12.73 17.89 6.28
CA ARG A 109 -12.31 17.11 5.11
C ARG A 109 -12.13 15.63 5.45
N SER A 110 -11.41 15.37 6.55
CA SER A 110 -11.12 14.02 6.97
C SER A 110 -12.36 13.25 7.38
N LEU A 111 -13.21 13.89 8.16
CA LEU A 111 -14.39 13.17 8.64
C LEU A 111 -15.37 12.89 7.53
N VAL A 112 -15.52 13.81 6.58
CA VAL A 112 -16.38 13.55 5.40
C VAL A 112 -15.77 12.47 4.48
N ALA A 113 -14.45 12.56 4.27
CA ALA A 113 -13.72 11.60 3.44
C ALA A 113 -13.90 10.18 3.95
N SER A 114 -13.74 10.00 5.26
CA SER A 114 -13.84 8.71 5.93
C SER A 114 -15.27 8.18 5.96
N SER A 115 -16.25 9.08 6.07
CA SER A 115 -17.65 8.72 5.96
C SER A 115 -18.04 8.21 4.56
N GLY A 116 -17.51 8.81 3.52
CA GLY A 116 -17.58 8.24 2.17
C GLY A 116 -18.88 8.49 1.42
N THR A 117 -19.63 9.51 1.85
CA THR A 117 -20.92 9.83 1.25
C THR A 117 -21.27 11.30 1.33
N LEU A 118 -21.89 11.79 0.26
CA LEU A 118 -22.42 13.12 0.22
C LEU A 118 -23.96 13.10 0.34
N GLU A 119 -24.53 11.96 0.74
CA GLU A 119 -25.98 11.89 0.90
C GLU A 119 -26.51 13.00 1.79
N PHE A 120 -27.49 13.74 1.26
CA PHE A 120 -28.03 14.93 1.92
C PHE A 120 -29.56 14.83 1.97
N ASN A 121 -30.14 15.08 3.14
CA ASN A 121 -31.60 15.07 3.30
C ASN A 121 -32.06 16.46 3.67
N ASN A 122 -32.89 17.04 2.81
CA ASN A 122 -33.48 18.35 3.09
C ASN A 122 -34.42 18.33 4.29
N GLU A 123 -34.40 19.39 5.09
CA GLU A 123 -35.36 19.55 6.18
C GLU A 123 -36.01 20.93 6.11
N SER A 124 -37.24 21.00 6.64
CA SER A 124 -38.05 22.21 6.61
C SER A 124 -37.85 22.98 7.91
N PHE A 125 -36.87 23.88 7.91
CA PHE A 125 -36.64 24.71 9.06
C PHE A 125 -37.65 25.84 9.00
N ASN A 126 -38.08 26.31 10.16
CA ASN A 126 -39.00 27.43 10.21
C ASN A 126 -38.24 28.75 10.22
N TRP A 127 -38.03 29.33 9.03
CA TRP A 127 -37.42 30.64 8.92
C TRP A 127 -38.48 31.70 8.68
N THR A 128 -39.48 31.73 9.54
CA THR A 128 -40.51 32.77 9.45
C THR A 128 -39.97 34.08 10.01
N GLY A 129 -40.13 35.15 9.23
CA GLY A 129 -39.73 36.50 9.65
C GLY A 129 -38.50 37.03 8.95
N VAL A 130 -37.86 36.19 8.13
CA VAL A 130 -36.67 36.60 7.37
C VAL A 130 -36.80 36.20 5.89
N THR A 131 -35.94 36.80 5.07
CA THR A 131 -35.82 36.47 3.65
C THR A 131 -34.80 35.35 3.50
N GLN A 132 -35.13 34.35 2.69
CA GLN A 132 -34.24 33.19 2.44
C GLN A 132 -33.58 33.31 1.08
N ASN A 133 -32.67 32.37 0.79
CA ASN A 133 -32.09 32.20 -0.53
C ASN A 133 -31.28 33.38 -1.07
N GLY A 134 -30.54 34.05 -0.20
CA GLY A 134 -29.62 35.10 -0.68
C GLY A 134 -28.63 34.52 -1.69
N THR A 135 -28.24 35.36 -2.66
CA THR A 135 -27.32 34.94 -3.70
C THR A 135 -26.23 35.98 -3.93
N SER A 136 -25.28 35.65 -4.82
CA SER A 136 -24.15 36.51 -5.13
C SER A 136 -23.60 36.28 -6.55
N SER A 137 -23.01 37.34 -7.11
CA SER A 137 -22.34 37.27 -8.42
C SER A 137 -21.02 36.53 -8.34
N ALA A 138 -20.49 36.41 -7.13
CA ALA A 138 -19.31 35.58 -6.86
C ALA A 138 -19.61 34.08 -6.97
N CYS A 139 -20.89 33.71 -7.03
CA CYS A 139 -21.28 32.31 -7.06
C CYS A 139 -22.38 32.06 -8.07
N LYS A 140 -22.01 32.14 -9.35
CA LYS A 140 -22.99 32.01 -10.40
C LYS A 140 -23.33 30.54 -10.73
N ARG A 141 -24.61 30.30 -10.99
CA ARG A 141 -25.12 29.00 -11.42
C ARG A 141 -26.00 29.22 -12.65
N ARG A 142 -25.62 28.59 -13.77
CA ARG A 142 -26.31 28.81 -15.05
C ARG A 142 -26.42 30.31 -15.32
N SER A 143 -25.27 30.99 -15.26
CA SER A 143 -25.14 32.43 -15.52
C SER A 143 -25.87 33.38 -14.56
N ASN A 144 -26.68 32.87 -13.65
CA ASN A 144 -27.39 33.69 -12.67
C ASN A 144 -26.67 33.73 -11.34
N ASN A 145 -26.84 34.84 -10.60
CA ASN A 145 -26.34 34.93 -9.24
C ASN A 145 -26.89 33.78 -8.41
N SER A 146 -26.05 33.13 -7.60
CA SER A 146 -26.54 31.97 -6.82
C SER A 146 -25.72 31.84 -5.54
N PHE A 147 -25.75 30.64 -4.96
CA PHE A 147 -25.09 30.40 -3.68
C PHE A 147 -24.83 28.90 -3.55
N PHE A 148 -24.05 28.53 -2.54
CA PHE A 148 -23.88 27.12 -2.19
C PHE A 148 -25.23 26.41 -2.09
N SER A 149 -25.37 25.26 -2.74
CA SER A 149 -26.65 24.56 -2.81
C SER A 149 -27.17 24.11 -1.45
N ARG A 150 -26.27 23.76 -0.53
CA ARG A 150 -26.71 23.19 0.73
C ARG A 150 -26.84 24.22 1.84
N LEU A 151 -26.60 25.49 1.52
CA LEU A 151 -26.68 26.56 2.50
C LEU A 151 -27.74 27.58 2.11
N ASN A 152 -28.22 28.30 3.11
CA ASN A 152 -29.35 29.24 2.95
C ASN A 152 -28.99 30.58 3.60
N TRP A 153 -28.67 31.56 2.77
CA TRP A 153 -28.31 32.90 3.23
C TRP A 153 -29.58 33.66 3.57
N LEU A 154 -29.82 33.82 4.87
CA LEU A 154 -31.01 34.53 5.37
C LEU A 154 -30.68 36.01 5.54
N THR A 155 -31.62 36.87 5.17
CA THR A 155 -31.44 38.31 5.35
C THR A 155 -32.76 38.89 5.87
N HIS A 156 -32.77 40.20 6.14
CA HIS A 156 -33.95 40.83 6.72
C HIS A 156 -35.15 40.73 5.80
N LEU A 157 -36.33 40.84 6.41
CA LEU A 157 -37.61 40.93 5.70
C LEU A 157 -38.26 42.25 6.13
N LYS A 158 -38.45 43.15 5.18
CA LYS A 158 -39.02 44.49 5.46
C LYS A 158 -38.20 45.22 6.52
N PHE A 159 -36.87 45.15 6.37
CA PHE A 159 -35.95 45.79 7.32
C PHE A 159 -36.13 45.34 8.77
N LYS A 160 -36.63 44.12 8.96
CA LYS A 160 -36.67 43.46 10.27
C LYS A 160 -35.97 42.08 10.21
N TYR A 161 -35.26 41.74 11.27
CA TYR A 161 -34.66 40.42 11.43
C TYR A 161 -34.95 39.95 12.86
N PRO A 162 -36.11 39.32 13.07
CA PRO A 162 -36.47 38.89 14.42
C PRO A 162 -35.58 37.75 14.86
N ALA A 163 -35.26 37.72 16.15
CA ALA A 163 -34.33 36.74 16.70
C ALA A 163 -34.78 35.34 16.32
N LEU A 164 -33.86 34.56 15.74
CA LEU A 164 -34.17 33.18 15.39
C LEU A 164 -33.88 32.29 16.57
N ASN A 165 -34.83 31.42 16.88
CA ASN A 165 -34.68 30.44 17.93
C ASN A 165 -35.34 29.17 17.41
N VAL A 166 -34.60 28.42 16.61
CA VAL A 166 -35.18 27.39 15.76
C VAL A 166 -34.64 26.01 16.10
N THR A 167 -35.52 25.02 16.01
CA THR A 167 -35.26 23.68 16.50
C THR A 167 -35.38 22.65 15.37
N MET A 168 -34.58 21.59 15.44
CA MET A 168 -34.77 20.44 14.57
C MET A 168 -34.38 19.16 15.30
N PRO A 169 -35.38 18.36 15.73
CA PRO A 169 -35.10 17.12 16.43
C PRO A 169 -34.55 16.04 15.51
N ASN A 170 -33.65 15.22 16.03
CA ASN A 170 -33.22 14.02 15.35
C ASN A 170 -34.02 12.84 15.86
N ASN A 171 -35.08 12.50 15.12
CA ASN A 171 -35.90 11.34 15.45
C ASN A 171 -35.56 10.12 14.60
N GLU A 172 -34.38 10.14 14.01
CA GLU A 172 -33.86 9.03 13.21
C GLU A 172 -33.05 8.13 14.12
N LYS A 173 -32.67 6.96 13.60
CA LYS A 173 -31.79 6.06 14.34
C LYS A 173 -30.31 6.21 13.95
N PHE A 174 -30.01 7.18 13.08
CA PHE A 174 -28.62 7.51 12.71
C PHE A 174 -28.24 8.96 13.06
N ASP A 175 -26.94 9.26 13.06
CA ASP A 175 -26.44 10.61 13.33
C ASP A 175 -26.68 11.52 12.15
N LYS A 176 -26.85 12.81 12.43
CA LYS A 176 -26.99 13.80 11.40
C LYS A 176 -25.80 14.75 11.47
N LEU A 177 -25.23 15.05 10.30
CA LEU A 177 -24.14 16.02 10.20
C LEU A 177 -24.67 17.28 9.59
N TYR A 178 -24.65 18.35 10.37
CA TYR A 178 -25.10 19.67 9.89
C TYR A 178 -23.91 20.55 9.58
N ILE A 179 -23.94 21.15 8.40
CA ILE A 179 -22.95 22.14 7.97
C ILE A 179 -23.60 23.52 7.90
N TRP A 180 -22.98 24.50 8.55
CA TRP A 180 -23.53 25.85 8.60
C TRP A 180 -22.45 26.86 8.64
N GLY A 181 -22.81 28.14 8.63
CA GLY A 181 -21.80 29.18 8.56
C GLY A 181 -22.18 30.55 9.11
N VAL A 182 -21.19 31.41 9.19
CA VAL A 182 -21.35 32.78 9.67
C VAL A 182 -20.83 33.70 8.59
N HIS A 183 -21.59 34.74 8.28
CA HIS A 183 -21.20 35.72 7.30
C HIS A 183 -20.55 36.90 7.96
N HIS A 184 -19.31 37.20 7.54
CA HIS A 184 -18.51 38.30 8.05
C HIS A 184 -18.55 39.41 7.03
N PRO A 185 -19.43 40.41 7.24
CA PRO A 185 -19.55 41.45 6.20
C PRO A 185 -18.35 42.41 6.09
N GLY A 186 -18.10 42.92 4.89
CA GLY A 186 -17.01 43.85 4.65
C GLY A 186 -17.11 45.12 5.47
N THR A 187 -18.32 45.69 5.56
CA THR A 187 -18.54 46.97 6.25
C THR A 187 -19.82 47.01 7.09
N ASP A 188 -19.89 47.99 7.98
CA ASP A 188 -21.13 48.28 8.75
C ASP A 188 -22.32 48.49 7.83
N ASN A 189 -22.07 49.12 6.68
CA ASN A 189 -23.12 49.34 5.69
C ASN A 189 -23.72 48.01 5.20
N ASP A 190 -22.87 47.02 4.94
CA ASP A 190 -23.34 45.70 4.52
C ASP A 190 -24.12 45.03 5.63
N GLN A 191 -23.64 45.17 6.87
CA GLN A 191 -24.30 44.56 8.02
C GLN A 191 -25.74 45.02 8.10
N ILE A 192 -25.92 46.32 7.98
CA ILE A 192 -27.26 46.91 8.10
C ILE A 192 -28.08 46.57 6.87
N SER A 193 -27.49 46.68 5.67
CA SER A 193 -28.23 46.36 4.44
C SER A 193 -28.70 44.90 4.40
N LEU A 194 -27.93 44.00 5.00
CA LEU A 194 -28.25 42.59 4.95
C LEU A 194 -29.18 42.15 6.10
N TYR A 195 -28.91 42.62 7.32
CA TYR A 195 -29.55 42.05 8.52
C TYR A 195 -30.38 43.04 9.36
N ALA A 196 -30.28 44.33 9.02
CA ALA A 196 -31.15 45.37 9.61
C ALA A 196 -30.69 45.81 11.00
N GLN A 197 -29.61 45.24 11.51
CA GLN A 197 -29.12 45.59 12.84
C GLN A 197 -27.66 45.25 13.01
N ALA A 198 -27.08 45.73 14.12
CA ALA A 198 -25.68 45.49 14.46
C ALA A 198 -25.40 43.99 14.62
N SER A 199 -24.14 43.60 14.41
CA SER A 199 -23.79 42.19 14.41
C SER A 199 -23.90 41.62 15.81
N GLY A 200 -24.40 40.40 15.90
CA GLY A 200 -24.57 39.68 17.16
C GLY A 200 -24.19 38.22 16.96
N ARG A 201 -23.86 37.53 18.04
CA ARG A 201 -23.28 36.19 17.96
C ARG A 201 -24.29 35.14 17.49
N ILE A 202 -23.78 34.03 16.98
CA ILE A 202 -24.60 32.88 16.57
C ILE A 202 -24.30 31.73 17.50
N THR A 203 -25.33 31.09 18.05
CA THR A 203 -25.16 29.92 18.91
C THR A 203 -25.94 28.73 18.37
N VAL A 204 -25.22 27.65 18.11
CA VAL A 204 -25.78 26.38 17.64
C VAL A 204 -25.48 25.32 18.68
N SER A 205 -26.54 24.70 19.21
CA SER A 205 -26.39 23.81 20.34
C SER A 205 -27.20 22.55 20.23
N THR A 206 -26.83 21.59 21.06
CA THR A 206 -27.59 20.39 21.29
C THR A 206 -27.64 20.17 22.79
N LYS A 207 -28.27 19.08 23.22
CA LYS A 207 -28.26 18.71 24.62
C LYS A 207 -26.84 18.49 25.15
N ARG A 208 -25.93 18.03 24.28
CA ARG A 208 -24.59 17.66 24.72
C ARG A 208 -23.49 18.61 24.26
N SER A 209 -23.77 19.58 23.41
CA SER A 209 -22.70 20.45 22.93
C SER A 209 -23.20 21.81 22.49
N GLN A 210 -22.27 22.76 22.38
CA GLN A 210 -22.60 24.11 21.97
C GLN A 210 -21.41 24.73 21.24
N GLN A 211 -21.72 25.61 20.29
CA GLN A 211 -20.74 26.44 19.64
C GLN A 211 -21.32 27.83 19.45
N THR A 212 -20.58 28.84 19.86
CA THR A 212 -20.94 30.21 19.61
C THR A 212 -19.88 30.86 18.72
N VAL A 213 -20.32 31.53 17.66
CA VAL A 213 -19.44 32.21 16.73
C VAL A 213 -19.86 33.67 16.57
N ILE A 214 -18.87 34.58 16.65
CA ILE A 214 -19.08 36.02 16.51
C ILE A 214 -18.78 36.47 15.09
N PRO A 215 -19.77 37.08 14.40
CA PRO A 215 -19.48 37.70 13.11
C PRO A 215 -18.56 38.91 13.31
N ASN A 216 -17.57 39.06 12.42
CA ASN A 216 -16.57 40.11 12.55
C ASN A 216 -16.56 40.96 11.29
N ILE A 217 -17.08 42.18 11.42
CA ILE A 217 -17.14 43.12 10.31
C ILE A 217 -15.77 43.67 9.96
N GLY A 218 -15.46 43.74 8.67
CA GLY A 218 -14.16 44.25 8.24
C GLY A 218 -13.86 43.85 6.82
N SER A 219 -13.03 44.67 6.16
CA SER A 219 -12.57 44.38 4.81
C SER A 219 -11.53 43.28 4.85
N ARG A 220 -11.71 42.28 3.98
CA ARG A 220 -10.66 41.30 3.65
C ARG A 220 -10.35 41.54 2.18
N PRO A 221 -9.16 41.12 1.73
CA PRO A 221 -8.86 41.32 0.31
C PRO A 221 -9.95 40.75 -0.59
N ARG A 222 -10.36 41.50 -1.59
CA ARG A 222 -11.44 41.07 -2.44
C ARG A 222 -11.08 39.82 -3.20
N VAL A 223 -12.05 38.91 -3.27
CA VAL A 223 -11.98 37.70 -4.08
C VAL A 223 -13.31 37.65 -4.85
N ARG A 224 -13.23 37.62 -6.17
CA ARG A 224 -14.44 37.70 -7.01
C ARG A 224 -15.26 38.93 -6.60
N ASP A 225 -14.53 40.00 -6.32
CA ASP A 225 -15.03 41.30 -5.89
C ASP A 225 -15.79 41.28 -4.56
N ILE A 226 -15.51 40.29 -3.71
CA ILE A 226 -16.17 40.17 -2.41
C ILE A 226 -15.14 40.36 -1.29
N PRO A 227 -15.33 41.42 -0.49
CA PRO A 227 -14.48 41.67 0.67
C PRO A 227 -15.01 41.02 1.95
N SER A 228 -16.21 40.47 1.89
CA SER A 228 -16.77 39.72 3.01
C SER A 228 -16.23 38.28 2.99
N ARG A 229 -16.51 37.53 4.05
CA ARG A 229 -16.14 36.10 4.13
C ARG A 229 -17.24 35.33 4.81
N ILE A 230 -17.34 34.04 4.48
CA ILE A 230 -18.16 33.12 5.26
C ILE A 230 -17.23 32.14 5.97
N SER A 231 -17.48 31.90 7.26
CA SER A 231 -16.72 30.89 8.00
C SER A 231 -17.64 29.69 8.26
N ILE A 232 -17.13 28.49 7.99
CA ILE A 232 -17.94 27.27 8.01
C ILE A 232 -17.73 26.45 9.28
N TYR A 233 -18.83 25.94 9.84
CA TYR A 233 -18.82 25.17 11.08
C TYR A 233 -19.69 23.93 10.89
N TRP A 234 -19.58 22.98 11.81
CA TRP A 234 -20.39 21.76 11.71
C TRP A 234 -20.82 21.25 13.03
N THR A 235 -21.92 20.52 13.03
CA THR A 235 -22.47 19.96 14.25
C THR A 235 -23.02 18.58 13.95
N ILE A 236 -22.69 17.62 14.80
CA ILE A 236 -23.26 16.28 14.68
C ILE A 236 -24.35 16.11 15.74
N VAL A 237 -25.53 15.69 15.33
CA VAL A 237 -26.65 15.53 16.27
C VAL A 237 -27.02 14.05 16.38
N LYS A 238 -26.95 13.52 17.60
CA LYS A 238 -27.25 12.11 17.86
C LYS A 238 -28.76 11.84 17.84
N PRO A 239 -29.15 10.57 17.62
CA PRO A 239 -30.58 10.20 17.77
C PRO A 239 -31.09 10.57 19.15
N GLY A 240 -32.31 11.12 19.22
CA GLY A 240 -32.89 11.54 20.49
C GLY A 240 -32.48 12.94 20.91
N ASP A 241 -31.52 13.54 20.21
CA ASP A 241 -31.07 14.89 20.51
C ASP A 241 -31.73 15.89 19.55
N ILE A 242 -31.43 17.17 19.76
CA ILE A 242 -32.10 18.26 19.06
C ILE A 242 -31.07 19.30 18.69
N LEU A 243 -31.13 19.79 17.46
CA LEU A 243 -30.36 20.93 17.05
C LEU A 243 -31.14 22.22 17.35
N LEU A 244 -30.49 23.15 18.05
CA LEU A 244 -31.05 24.46 18.32
C LEU A 244 -30.16 25.57 17.72
N ILE A 245 -30.76 26.37 16.85
CA ILE A 245 -30.07 27.47 16.18
C ILE A 245 -30.63 28.81 16.67
N ASN A 246 -29.73 29.67 17.13
CA ASN A 246 -30.10 30.90 17.85
C ASN A 246 -29.25 32.03 17.28
N SER A 247 -29.90 32.98 16.60
CA SER A 247 -29.18 34.04 15.89
C SER A 247 -30.04 35.29 15.67
N THR A 248 -29.38 36.45 15.64
CA THR A 248 -30.01 37.72 15.33
C THR A 248 -29.47 38.29 14.02
N GLY A 249 -28.74 37.47 13.27
CA GLY A 249 -28.20 37.90 11.98
C GLY A 249 -26.92 37.14 11.63
N ASN A 250 -26.50 37.28 10.38
CA ASN A 250 -25.21 36.77 9.88
C ASN A 250 -25.16 35.24 9.73
N LEU A 251 -26.31 34.59 9.88
CA LEU A 251 -26.43 33.15 9.78
C LEU A 251 -26.50 32.68 8.34
N ILE A 252 -25.61 31.75 8.00
CA ILE A 252 -25.69 30.98 6.78
C ILE A 252 -26.22 29.62 7.22
N ALA A 253 -27.50 29.42 6.97
CA ALA A 253 -28.22 28.33 7.58
C ALA A 253 -28.13 27.05 6.76
N PRO A 254 -28.22 25.89 7.44
CA PRO A 254 -28.28 24.59 6.78
C PRO A 254 -29.65 24.39 6.14
N ARG A 255 -29.68 23.63 5.04
CA ARG A 255 -30.94 23.27 4.39
C ARG A 255 -31.39 21.86 4.76
N GLY A 256 -30.67 21.22 5.68
CA GLY A 256 -30.85 19.81 5.99
C GLY A 256 -29.55 19.23 6.54
N TYR A 257 -29.42 17.90 6.48
CA TYR A 257 -28.22 17.25 7.02
C TYR A 257 -27.60 16.26 6.06
N PHE A 258 -26.33 15.99 6.30
CA PHE A 258 -25.64 14.90 5.64
C PHE A 258 -25.72 13.68 6.51
N LYS A 259 -25.87 12.54 5.86
CA LYS A 259 -25.68 11.28 6.52
C LYS A 259 -24.21 11.26 6.85
N ILE A 260 -23.88 10.63 7.96
CA ILE A 260 -22.51 10.34 8.26
C ILE A 260 -22.44 8.83 8.49
N ARG A 261 -21.59 8.15 7.72
CA ARG A 261 -21.45 6.69 7.77
C ARG A 261 -20.07 6.33 8.30
N SER A 262 -19.88 5.07 8.68
CA SER A 262 -18.54 4.59 8.98
C SER A 262 -18.17 3.46 8.03
N GLY A 263 -16.92 3.47 7.61
CA GLY A 263 -16.41 2.39 6.77
C GLY A 263 -15.01 2.71 6.33
N LYS A 264 -14.66 2.25 5.14
CA LYS A 264 -13.28 2.18 4.68
C LYS A 264 -12.93 3.29 3.68
N SER A 265 -13.72 4.35 3.65
CA SER A 265 -13.52 5.38 2.63
C SER A 265 -12.39 6.32 3.01
N SER A 266 -11.78 6.93 1.98
CA SER A 266 -10.74 7.90 2.20
C SER A 266 -10.69 8.93 1.05
N ILE A 267 -9.65 9.76 1.08
CA ILE A 267 -9.42 10.82 0.11
C ILE A 267 -7.93 10.85 -0.21
N MET A 268 -7.60 11.13 -1.47
CA MET A 268 -6.21 11.17 -1.90
C MET A 268 -5.99 12.35 -2.85
N ARG A 269 -4.85 13.04 -2.70
CA ARG A 269 -4.44 14.09 -3.63
C ARG A 269 -3.60 13.44 -4.73
N SER A 270 -4.03 13.58 -5.98
CA SER A 270 -3.32 13.00 -7.09
C SER A 270 -3.73 13.69 -8.38
N ASP A 271 -2.80 13.78 -9.31
CA ASP A 271 -3.10 14.20 -10.65
C ASP A 271 -3.08 13.06 -11.66
N ALA A 272 -3.01 11.83 -11.18
CA ALA A 272 -2.96 10.68 -12.09
C ALA A 272 -4.31 10.50 -12.78
N PRO A 273 -4.30 10.18 -14.08
CA PRO A 273 -5.58 9.98 -14.76
C PRO A 273 -6.27 8.71 -14.28
N ILE A 274 -7.59 8.67 -14.38
CA ILE A 274 -8.34 7.46 -14.01
C ILE A 274 -8.45 6.56 -15.21
N GLY A 275 -8.09 5.28 -15.04
CA GLY A 275 -8.11 4.34 -16.15
C GLY A 275 -9.17 3.27 -15.98
N LYS A 276 -9.55 2.65 -17.09
CA LYS A 276 -10.45 1.52 -17.06
C LYS A 276 -9.63 0.27 -16.90
N CYS A 277 -9.34 -0.09 -15.65
CA CYS A 277 -8.49 -1.22 -15.36
C CYS A 277 -8.78 -1.63 -13.92
N ASN A 278 -8.14 -2.70 -13.47
CA ASN A 278 -8.43 -3.28 -12.17
C ASN A 278 -7.14 -3.44 -11.37
N SER A 279 -7.04 -2.77 -10.23
CA SER A 279 -5.88 -2.88 -9.37
C SER A 279 -6.24 -2.58 -7.91
N GLU A 280 -5.75 -3.42 -7.01
CA GLU A 280 -6.11 -3.33 -5.60
C GLU A 280 -5.45 -2.15 -4.90
N CYS A 281 -4.22 -1.84 -5.28
CA CYS A 281 -3.42 -0.82 -4.58
C CYS A 281 -3.34 0.50 -5.32
N ILE A 282 -3.76 1.57 -4.67
CA ILE A 282 -3.73 2.91 -5.26
C ILE A 282 -2.70 3.79 -4.55
N THR A 283 -1.88 4.48 -5.32
CA THR A 283 -0.96 5.51 -4.83
C THR A 283 -1.23 6.79 -5.64
N PRO A 284 -0.77 7.95 -5.14
CA PRO A 284 -0.90 9.17 -5.94
C PRO A 284 -0.21 9.14 -7.30
N ASN A 285 0.76 8.25 -7.47
CA ASN A 285 1.44 8.09 -8.76
C ASN A 285 0.67 7.21 -9.72
N GLY A 286 -0.42 6.60 -9.27
CA GLY A 286 -1.11 5.58 -10.02
C GLY A 286 -1.24 4.31 -9.22
N SER A 287 -2.06 3.39 -9.72
CA SER A 287 -2.17 2.07 -9.10
C SER A 287 -0.87 1.30 -9.30
N ILE A 288 -0.53 0.44 -8.35
CA ILE A 288 0.63 -0.42 -8.48
C ILE A 288 0.23 -1.85 -8.23
N PRO A 289 0.92 -2.78 -8.88
CA PRO A 289 0.75 -4.18 -8.56
C PRO A 289 1.10 -4.43 -7.10
N ASN A 290 0.43 -5.40 -6.49
CA ASN A 290 0.66 -5.73 -5.09
C ASN A 290 1.15 -7.15 -4.86
N ASP A 291 1.83 -7.71 -5.84
CA ASP A 291 2.44 -9.00 -5.69
C ASP A 291 3.60 -8.93 -4.66
N LYS A 292 4.36 -7.85 -4.67
CA LYS A 292 5.59 -7.75 -3.87
C LYS A 292 5.24 -7.27 -2.46
N PRO A 293 6.03 -7.66 -1.46
CA PRO A 293 5.69 -7.27 -0.07
C PRO A 293 6.00 -5.81 0.26
N PHE A 294 6.91 -5.20 -0.51
CA PHE A 294 7.36 -3.85 -0.27
C PHE A 294 7.25 -3.01 -1.56
N GLN A 295 7.31 -1.70 -1.37
CA GLN A 295 7.26 -0.76 -2.47
C GLN A 295 7.94 0.54 -2.08
N ASN A 296 8.50 1.22 -3.08
CA ASN A 296 9.11 2.52 -2.85
CA ASN A 296 9.18 2.49 -2.92
C ASN A 296 8.54 3.58 -3.79
N VAL A 297 7.30 3.36 -4.22
CA VAL A 297 6.60 4.30 -5.08
C VAL A 297 6.08 5.51 -4.30
N ASN A 298 5.33 5.29 -3.22
CA ASN A 298 4.79 6.40 -2.46
C ASN A 298 4.40 5.94 -1.08
N ARG A 299 4.69 6.76 -0.07
CA ARG A 299 4.23 6.45 1.28
C ARG A 299 2.69 6.57 1.46
N ILE A 300 2.05 7.29 0.55
CA ILE A 300 0.59 7.41 0.54
C ILE A 300 0.02 6.28 -0.26
N THR A 301 -0.83 5.46 0.38
CA THR A 301 -1.46 4.32 -0.31
C THR A 301 -2.92 4.13 0.16
N TYR A 302 -3.69 3.44 -0.67
CA TYR A 302 -5.04 3.01 -0.31
C TYR A 302 -5.27 1.63 -0.86
N GLY A 303 -5.77 0.71 -0.05
CA GLY A 303 -6.14 -0.63 -0.51
C GLY A 303 -5.11 -1.66 -0.08
N ALA A 304 -5.14 -2.83 -0.70
CA ALA A 304 -4.21 -3.92 -0.39
C ALA A 304 -2.87 -3.62 -1.05
N CYS A 305 -1.95 -3.05 -0.26
CA CYS A 305 -0.73 -2.46 -0.79
C CYS A 305 0.53 -3.03 -0.15
N PRO A 306 1.61 -3.19 -0.95
CA PRO A 306 2.92 -3.45 -0.33
C PRO A 306 3.28 -2.32 0.64
N ARG A 307 4.12 -2.65 1.63
CA ARG A 307 4.53 -1.66 2.62
C ARG A 307 5.63 -0.79 2.02
N TYR A 308 5.54 0.50 2.31
CA TYR A 308 6.53 1.48 1.84
C TYR A 308 7.86 1.33 2.58
N VAL A 309 8.94 1.26 1.80
CA VAL A 309 10.28 1.20 2.35
C VAL A 309 11.17 2.19 1.62
N LYS A 310 12.30 2.52 2.21
CA LYS A 310 13.28 3.44 1.58
C LYS A 310 14.12 2.80 0.46
N GLN A 311 14.32 1.48 0.52
CA GLN A 311 15.14 0.79 -0.45
C GLN A 311 14.44 0.81 -1.81
N ASN A 312 15.22 0.98 -2.87
CA ASN A 312 14.64 0.86 -4.20
C ASN A 312 14.74 -0.54 -4.82
N THR A 313 15.47 -1.43 -4.15
CA THR A 313 15.56 -2.83 -4.54
C THR A 313 15.92 -3.71 -3.34
N LEU A 314 15.29 -4.87 -3.26
CA LEU A 314 15.69 -5.90 -2.33
C LEU A 314 15.52 -7.24 -3.02
N LYS A 315 16.61 -7.92 -3.30
CA LYS A 315 16.53 -9.15 -4.08
C LYS A 315 16.51 -10.39 -3.20
N LEU A 316 15.49 -11.23 -3.37
CA LEU A 316 15.37 -12.48 -2.64
C LEU A 316 15.93 -13.58 -3.53
N ALA A 317 16.92 -14.28 -3.02
CA ALA A 317 17.48 -15.45 -3.69
C ALA A 317 16.40 -16.51 -3.92
N THR A 318 16.34 -17.03 -5.16
CA THR A 318 15.46 -18.13 -5.49
C THR A 318 16.25 -19.31 -6.08
N GLY A 319 17.53 -19.35 -5.76
CA GLY A 319 18.39 -20.43 -6.20
C GLY A 319 19.62 -20.47 -5.33
N MET A 320 20.44 -21.50 -5.53
CA MET A 320 21.63 -21.71 -4.73
C MET A 320 22.77 -20.80 -5.16
N ARG A 321 23.87 -20.85 -4.41
CA ARG A 321 25.08 -20.16 -4.83
C ARG A 321 25.47 -20.56 -6.26
N ASN A 322 25.88 -19.57 -7.05
CA ASN A 322 26.32 -19.81 -8.41
C ASN A 322 27.85 -19.85 -8.44
N VAL A 323 28.40 -20.99 -8.85
CA VAL A 323 29.82 -21.26 -8.72
C VAL A 323 30.35 -21.67 -10.12
N PRO A 324 31.32 -20.92 -10.65
CA PRO A 324 31.88 -21.30 -11.98
C PRO A 324 32.41 -22.72 -12.00
N GLU A 325 32.35 -23.34 -13.18
CA GLU A 325 32.96 -24.66 -13.36
C GLU A 325 34.46 -24.50 -13.54
N LYS A 326 35.25 -25.22 -12.74
CA LYS A 326 36.71 -25.14 -12.85
C LYS A 326 37.16 -25.76 -14.18
N GLN A 327 38.16 -25.12 -14.79
CA GLN A 327 38.52 -25.39 -16.19
C GLN A 327 39.31 -26.70 -16.34
N THR A 328 39.06 -27.40 -17.45
CA THR A 328 39.68 -28.70 -17.70
C THR A 328 40.07 -28.84 -19.17
N ALA A 334 39.59 -35.21 -15.97
CA ALA A 334 39.00 -35.89 -14.82
C ALA A 334 37.72 -35.16 -14.37
N ILE A 335 36.59 -35.87 -14.33
CA ILE A 335 35.38 -35.30 -13.75
C ILE A 335 35.63 -34.87 -12.29
N ALA A 336 34.80 -33.98 -11.78
CA ALA A 336 35.02 -33.43 -10.45
C ALA A 336 33.67 -33.06 -9.87
N GLY A 337 33.59 -33.08 -8.54
CA GLY A 337 32.33 -32.87 -7.84
C GLY A 337 32.20 -31.45 -7.34
N PHE A 338 31.32 -31.26 -6.36
CA PHE A 338 30.89 -29.93 -5.94
C PHE A 338 31.91 -29.08 -5.19
N ILE A 339 33.01 -29.65 -4.73
CA ILE A 339 33.97 -28.87 -3.94
C ILE A 339 34.53 -27.72 -4.84
N GLU A 340 34.15 -26.49 -4.52
CA GLU A 340 34.56 -25.29 -5.28
C GLU A 340 34.32 -25.38 -6.80
N ASN A 341 33.16 -25.89 -7.19
CA ASN A 341 32.92 -26.26 -8.59
C ASN A 341 31.44 -26.56 -8.87
N GLY A 342 30.79 -25.78 -9.72
CA GLY A 342 29.44 -26.07 -10.20
C GLY A 342 29.44 -26.63 -11.62
N TRP A 343 28.31 -27.19 -12.04
CA TRP A 343 28.20 -27.85 -13.33
C TRP A 343 27.27 -27.08 -14.22
N GLU A 344 27.84 -26.30 -15.13
CA GLU A 344 27.01 -25.52 -16.06
C GLU A 344 26.22 -26.41 -17.01
N GLY A 345 26.78 -27.57 -17.34
CA GLY A 345 26.08 -28.50 -18.21
C GLY A 345 24.97 -29.31 -17.58
N MET A 346 24.69 -29.13 -16.29
CA MET A 346 23.53 -29.80 -15.73
C MET A 346 22.32 -28.91 -15.77
N VAL A 347 21.44 -29.24 -16.69
CA VAL A 347 20.31 -28.40 -17.03
C VAL A 347 18.96 -29.03 -16.72
N ASP A 348 18.91 -30.32 -16.37
CA ASP A 348 17.64 -30.97 -16.04
C ASP A 348 17.46 -31.24 -14.55
N GLY A 349 18.27 -30.61 -13.72
CA GLY A 349 18.14 -30.76 -12.28
C GLY A 349 19.10 -29.82 -11.58
N TRP A 350 18.91 -29.64 -10.28
CA TRP A 350 19.79 -28.76 -9.51
C TRP A 350 20.96 -29.47 -8.91
N TYR A 351 20.79 -30.76 -8.63
CA TYR A 351 21.84 -31.62 -8.09
C TYR A 351 21.88 -32.90 -8.88
N GLY A 352 23.01 -33.58 -8.84
CA GLY A 352 23.10 -34.87 -9.53
C GLY A 352 24.45 -35.53 -9.43
N PHE A 353 24.65 -36.48 -10.35
CA PHE A 353 25.74 -37.42 -10.31
C PHE A 353 26.46 -37.37 -11.66
N ARG A 354 27.78 -37.41 -11.63
CA ARG A 354 28.60 -37.66 -12.82
C ARG A 354 29.47 -38.85 -12.54
N HIS A 355 29.68 -39.71 -13.53
CA HIS A 355 30.42 -40.93 -13.30
C HIS A 355 31.38 -41.16 -14.42
N GLN A 356 32.43 -41.92 -14.09
CA GLN A 356 33.32 -42.50 -15.08
C GLN A 356 33.49 -43.97 -14.78
N ASN A 357 33.19 -44.81 -15.77
CA ASN A 357 33.33 -46.25 -15.60
C ASN A 357 33.78 -46.87 -16.93
N SER A 358 33.70 -48.20 -17.01
CA SER A 358 34.03 -49.01 -18.19
C SER A 358 33.29 -48.59 -19.46
N GLU A 359 32.09 -48.05 -19.29
CA GLU A 359 31.21 -47.73 -20.40
C GLU A 359 31.21 -46.24 -20.80
N GLY A 360 31.99 -45.43 -20.10
CA GLY A 360 32.14 -44.01 -20.46
C GLY A 360 31.97 -43.05 -19.29
N ILE A 361 31.56 -41.82 -19.62
CA ILE A 361 31.38 -40.74 -18.66
C ILE A 361 29.97 -40.20 -18.82
N GLY A 362 29.20 -40.22 -17.73
CA GLY A 362 27.80 -39.85 -17.80
C GLY A 362 27.37 -38.92 -16.68
N GLN A 363 26.16 -38.39 -16.83
CA GLN A 363 25.56 -37.45 -15.89
C GLN A 363 24.10 -37.82 -15.74
N ALA A 364 23.57 -37.65 -14.52
CA ALA A 364 22.14 -37.78 -14.26
C ALA A 364 21.76 -36.85 -13.09
N ALA A 365 20.57 -36.27 -13.21
CA ALA A 365 20.02 -35.39 -12.19
C ALA A 365 19.46 -36.21 -11.07
N ASP A 366 19.51 -35.69 -9.85
CA ASP A 366 18.82 -36.30 -8.73
C ASP A 366 17.54 -35.51 -8.46
N LEU A 367 16.40 -36.16 -8.70
CA LEU A 367 15.09 -35.51 -8.60
C LEU A 367 14.79 -35.10 -7.17
N LYS A 368 15.09 -35.98 -6.21
CA LYS A 368 14.64 -35.80 -4.83
C LYS A 368 15.20 -34.52 -4.23
N SER A 369 16.51 -34.37 -4.33
CA SER A 369 17.23 -33.21 -3.79
C SER A 369 16.82 -31.93 -4.52
N THR A 370 16.72 -32.01 -5.84
CA THR A 370 16.27 -30.88 -6.65
C THR A 370 14.88 -30.41 -6.22
N GLN A 371 13.95 -31.34 -6.06
CA GLN A 371 12.59 -31.00 -5.70
C GLN A 371 12.48 -30.44 -4.26
N ALA A 372 13.25 -30.99 -3.33
CA ALA A 372 13.27 -30.52 -1.95
C ALA A 372 13.71 -29.05 -1.86
N ALA A 373 14.73 -28.69 -2.62
CA ALA A 373 15.19 -27.30 -2.70
C ALA A 373 14.14 -26.41 -3.34
N ILE A 374 13.60 -26.83 -4.47
CA ILE A 374 12.60 -26.04 -5.18
C ILE A 374 11.35 -25.83 -4.30
N ASN A 375 10.90 -26.89 -3.64
CA ASN A 375 9.70 -26.82 -2.80
C ASN A 375 9.83 -25.81 -1.69
N GLN A 376 10.99 -25.79 -1.04
CA GLN A 376 11.25 -24.87 0.05
C GLN A 376 11.32 -23.43 -0.41
N ILE A 377 11.94 -23.20 -1.56
CA ILE A 377 12.02 -21.86 -2.11
C ILE A 377 10.62 -21.39 -2.51
N ASN A 378 9.83 -22.29 -3.08
CA ASN A 378 8.46 -21.95 -3.43
C ASN A 378 7.63 -21.64 -2.19
N GLY A 379 7.90 -22.35 -1.10
CA GLY A 379 7.26 -22.06 0.16
C GLY A 379 7.50 -20.64 0.65
N LYS A 380 8.74 -20.18 0.59
CA LYS A 380 9.01 -18.81 1.05
C LYS A 380 8.48 -17.78 0.07
N LEU A 381 8.49 -18.10 -1.21
CA LEU A 381 7.82 -17.24 -2.17
C LEU A 381 6.33 -17.10 -1.82
N ASN A 382 5.68 -18.22 -1.50
CA ASN A 382 4.26 -18.20 -1.19
CA ASN A 382 4.26 -18.20 -1.17
C ASN A 382 3.94 -17.34 0.05
N ARG A 383 4.87 -17.26 1.01
CA ARG A 383 4.70 -16.40 2.19
C ARG A 383 4.85 -14.91 1.93
N LEU A 384 5.65 -14.57 0.93
CA LEU A 384 6.06 -13.17 0.66
C LEU A 384 5.36 -12.52 -0.51
N ILE A 385 4.86 -13.33 -1.45
CA ILE A 385 4.30 -12.84 -2.71
C ILE A 385 2.78 -12.94 -2.68
N GLY A 386 2.13 -11.84 -3.03
CA GLY A 386 0.67 -11.76 -3.07
C GLY A 386 0.00 -11.86 -1.72
N LYS A 387 0.63 -11.31 -0.68
CA LYS A 387 0.14 -11.43 0.69
C LYS A 387 -0.04 -10.09 1.40
N THR A 388 -0.24 -9.03 0.63
CA THR A 388 -0.33 -7.69 1.20
C THR A 388 -1.65 -7.54 1.97
N ASN A 389 -1.63 -6.60 2.91
CA ASN A 389 -2.77 -6.30 3.76
CA ASN A 389 -2.81 -6.32 3.72
C ASN A 389 -3.33 -4.92 3.40
N GLU A 390 -4.63 -4.74 3.60
CA GLU A 390 -5.29 -3.50 3.28
C GLU A 390 -5.20 -2.43 4.38
N LYS A 391 -4.97 -1.18 3.97
CA LYS A 391 -5.18 -0.03 4.83
C LYS A 391 -6.02 1.01 4.06
N PHE A 392 -6.77 1.82 4.80
CA PHE A 392 -7.76 2.69 4.21
C PHE A 392 -7.47 4.14 4.60
N HIS A 393 -8.32 4.79 5.40
CA HIS A 393 -8.06 6.15 5.81
C HIS A 393 -7.00 6.18 6.88
N GLN A 394 -6.00 7.03 6.68
CA GLN A 394 -4.81 7.04 7.53
CA GLN A 394 -4.83 7.05 7.57
C GLN A 394 -4.58 8.48 8.02
N ILE A 395 -3.36 9.00 7.89
CA ILE A 395 -3.10 10.38 8.21
C ILE A 395 -2.56 10.97 6.94
N GLU A 396 -2.56 12.30 6.87
CA GLU A 396 -1.95 13.00 5.75
C GLU A 396 -0.42 12.95 5.87
N LYS A 397 0.27 12.96 4.74
CA LYS A 397 1.70 12.76 4.70
C LYS A 397 2.44 13.80 3.85
N GLU A 398 1.70 14.69 3.21
CA GLU A 398 2.25 15.86 2.49
C GLU A 398 1.41 17.05 2.91
N PHE A 399 2.03 18.23 3.00
CA PHE A 399 1.38 19.43 3.54
C PHE A 399 1.71 20.67 2.70
N SER A 400 0.69 21.44 2.32
CA SER A 400 0.88 22.65 1.51
C SER A 400 1.17 23.92 2.35
N GLU A 401 0.90 23.87 3.65
CA GLU A 401 1.15 25.01 4.53
C GLU A 401 1.99 24.58 5.73
N VAL A 402 2.72 25.54 6.26
CA VAL A 402 3.49 25.40 7.48
C VAL A 402 2.53 25.51 8.68
N GLU A 403 2.64 24.61 9.65
CA GLU A 403 1.71 24.59 10.80
C GLU A 403 2.34 24.44 12.18
N GLY A 404 3.51 23.82 12.27
CA GLY A 404 4.18 23.62 13.53
C GLY A 404 3.84 22.26 14.16
N ARG A 405 3.45 22.31 15.42
CA ARG A 405 3.43 21.18 16.32
C ARG A 405 2.72 19.92 15.80
N ILE A 406 1.48 20.06 15.37
CA ILE A 406 0.72 18.90 14.93
C ILE A 406 1.34 18.28 13.69
N GLN A 407 1.76 19.13 12.75
CA GLN A 407 2.39 18.65 11.54
C GLN A 407 3.74 17.99 11.81
N ASP A 408 4.51 18.56 12.75
CA ASP A 408 5.78 17.95 13.17
C ASP A 408 5.53 16.50 13.64
N LEU A 409 4.49 16.34 14.46
CA LEU A 409 4.12 15.02 14.99
C LEU A 409 3.66 14.06 13.89
N GLU A 410 2.76 14.53 13.01
CA GLU A 410 2.35 13.71 11.86
C GLU A 410 3.55 13.22 11.02
N LYS A 411 4.45 14.13 10.68
CA LYS A 411 5.65 13.77 9.95
C LYS A 411 6.56 12.80 10.70
N TYR A 412 6.76 13.03 12.00
CA TYR A 412 7.65 12.16 12.78
C TYR A 412 7.09 10.74 12.93
N VAL A 413 5.76 10.65 13.07
CA VAL A 413 5.10 9.34 13.16
C VAL A 413 5.36 8.53 11.89
N GLU A 414 5.23 9.19 10.74
CA GLU A 414 5.39 8.52 9.45
C GLU A 414 6.86 8.17 9.19
N ASP A 415 7.76 9.12 9.44
CA ASP A 415 9.21 8.87 9.32
C ASP A 415 9.63 7.66 10.19
N THR A 416 9.13 7.64 11.43
CA THR A 416 9.42 6.58 12.38
C THR A 416 8.98 5.22 11.83
N LYS A 417 7.73 5.18 11.36
CA LYS A 417 7.15 3.98 10.78
C LYS A 417 7.96 3.48 9.59
N ILE A 418 8.32 4.37 8.68
CA ILE A 418 9.03 3.95 7.47
C ILE A 418 10.43 3.40 7.81
N ASP A 419 11.14 4.04 8.73
CA ASP A 419 12.45 3.56 9.11
C ASP A 419 12.37 2.15 9.73
N LEU A 420 11.35 1.92 10.55
CA LEU A 420 11.18 0.61 11.19
C LEU A 420 10.86 -0.49 10.19
N TRP A 421 9.96 -0.21 9.25
CA TRP A 421 9.69 -1.16 8.15
C TRP A 421 10.86 -1.38 7.22
N SER A 422 11.61 -0.34 6.89
CA SER A 422 12.79 -0.45 6.05
C SER A 422 13.84 -1.36 6.71
N TYR A 423 13.99 -1.20 8.02
CA TYR A 423 14.85 -2.09 8.82
C TYR A 423 14.34 -3.53 8.76
N ASN A 424 13.05 -3.74 9.03
CA ASN A 424 12.47 -5.10 8.96
C ASN A 424 12.70 -5.74 7.59
N ALA A 425 12.49 -4.97 6.53
CA ALA A 425 12.70 -5.47 5.16
C ALA A 425 14.13 -5.90 4.92
N GLU A 426 15.06 -5.03 5.29
CA GLU A 426 16.50 -5.32 5.15
C GLU A 426 16.90 -6.61 5.88
N LEU A 427 16.50 -6.73 7.14
CA LEU A 427 16.80 -7.94 7.93
C LEU A 427 16.12 -9.20 7.37
N LEU A 428 14.85 -9.08 7.00
CA LEU A 428 14.08 -10.21 6.50
C LEU A 428 14.74 -10.83 5.28
N VAL A 429 15.13 -9.98 4.33
CA VAL A 429 15.71 -10.49 3.11
C VAL A 429 17.12 -11.08 3.33
N ALA A 430 17.93 -10.45 4.20
CA ALA A 430 19.23 -11.00 4.56
C ALA A 430 19.09 -12.39 5.25
N LEU A 431 18.14 -12.50 6.18
CA LEU A 431 17.86 -13.76 6.86
C LEU A 431 17.33 -14.86 5.91
N GLU A 432 16.34 -14.50 5.10
CA GLU A 432 15.79 -15.42 4.12
C GLU A 432 16.87 -15.90 3.14
N ASN A 433 17.70 -14.99 2.66
CA ASN A 433 18.76 -15.36 1.70
C ASN A 433 19.82 -16.25 2.33
N GLN A 434 20.19 -15.97 3.57
CA GLN A 434 21.08 -16.86 4.29
C GLN A 434 20.48 -18.26 4.41
N HIS A 435 19.19 -18.33 4.73
CA HIS A 435 18.48 -19.60 4.86
C HIS A 435 18.40 -20.37 3.54
N THR A 436 18.20 -19.65 2.45
CA THR A 436 18.20 -20.25 1.12
C THR A 436 19.56 -20.83 0.74
N ILE A 437 20.63 -20.07 1.00
CA ILE A 437 21.96 -20.58 0.79
C ILE A 437 22.18 -21.83 1.67
N ASP A 438 21.76 -21.75 2.94
CA ASP A 438 21.94 -22.89 3.84
C ASP A 438 21.15 -24.13 3.43
N LEU A 439 19.89 -24.01 3.05
CA LEU A 439 19.08 -25.15 2.66
C LEU A 439 19.55 -25.79 1.32
N THR A 440 20.05 -24.97 0.40
CA THR A 440 20.55 -25.48 -0.89
C THR A 440 21.90 -26.15 -0.72
N ASP A 441 22.79 -25.54 0.09
CA ASP A 441 24.03 -26.19 0.47
C ASP A 441 23.70 -27.54 1.16
N SER A 442 22.71 -27.52 2.06
CA SER A 442 22.36 -28.73 2.81
C SER A 442 21.89 -29.89 1.90
N GLU A 443 21.05 -29.61 0.89
CA GLU A 443 20.65 -30.68 -0.04
C GLU A 443 21.88 -31.30 -0.72
N MET A 444 22.87 -30.49 -1.08
CA MET A 444 24.11 -31.03 -1.68
C MET A 444 24.85 -31.94 -0.71
N ASN A 445 25.01 -31.45 0.53
CA ASN A 445 25.72 -32.21 1.56
C ASN A 445 25.02 -33.51 1.93
N LYS A 446 23.70 -33.48 1.98
CA LYS A 446 22.93 -34.67 2.33
C LYS A 446 23.04 -35.71 1.22
N LEU A 447 23.06 -35.26 -0.03
CA LEU A 447 23.18 -36.17 -1.18
C LEU A 447 24.52 -36.89 -1.10
N PHE A 448 25.57 -36.13 -0.79
CA PHE A 448 26.90 -36.70 -0.68
C PHE A 448 26.96 -37.70 0.47
N GLU A 449 26.37 -37.33 1.61
CA GLU A 449 26.41 -38.24 2.79
C GLU A 449 25.65 -39.53 2.55
N ARG A 450 24.44 -39.44 1.98
CA ARG A 450 23.63 -40.61 1.62
C ARG A 450 24.44 -41.57 0.74
N THR A 451 25.14 -41.02 -0.23
CA THR A 451 25.93 -41.80 -1.17
C THR A 451 27.09 -42.46 -0.47
N LYS A 452 27.80 -41.70 0.37
CA LYS A 452 28.88 -42.24 1.16
C LYS A 452 28.41 -43.47 1.95
N LYS A 453 27.22 -43.35 2.54
CA LYS A 453 26.73 -44.41 3.42
C LYS A 453 26.40 -45.68 2.63
N GLN A 454 25.79 -45.54 1.45
CA GLN A 454 25.51 -46.69 0.58
C GLN A 454 26.78 -47.46 0.27
N LEU A 455 27.86 -46.73 0.00
CA LEU A 455 29.09 -47.33 -0.55
C LEU A 455 29.88 -48.12 0.49
N ARG A 456 29.71 -47.79 1.77
CA ARG A 456 30.31 -48.53 2.87
C ARG A 456 31.81 -48.63 2.66
N GLU A 457 32.37 -49.83 2.65
CA GLU A 457 33.81 -50.00 2.53
C GLU A 457 34.26 -50.18 1.08
N ASN A 458 33.38 -49.86 0.13
CA ASN A 458 33.66 -50.13 -1.28
C ASN A 458 34.21 -48.93 -2.03
N ALA A 459 34.27 -47.80 -1.35
CA ALA A 459 34.73 -46.55 -1.97
C ALA A 459 35.50 -45.70 -1.00
N GLU A 460 36.28 -44.76 -1.54
CA GLU A 460 36.94 -43.76 -0.72
C GLU A 460 36.64 -42.36 -1.26
N ASP A 461 36.56 -41.41 -0.31
CA ASP A 461 36.32 -40.01 -0.61
C ASP A 461 37.59 -39.35 -1.17
N MET A 462 37.51 -38.88 -2.42
CA MET A 462 38.67 -38.30 -3.12
C MET A 462 38.89 -36.82 -2.77
N GLY A 463 38.01 -36.23 -1.96
CA GLY A 463 38.25 -34.87 -1.46
C GLY A 463 37.68 -33.76 -2.32
N ASN A 464 37.17 -34.12 -3.50
CA ASN A 464 36.70 -33.14 -4.49
C ASN A 464 35.19 -33.30 -4.76
N GLY A 465 34.48 -33.91 -3.82
CA GLY A 465 33.09 -34.26 -4.01
C GLY A 465 32.86 -35.53 -4.80
N CYS A 466 33.91 -36.33 -5.01
CA CYS A 466 33.78 -37.62 -5.69
C CYS A 466 34.28 -38.77 -4.85
N PHE A 467 33.77 -39.95 -5.18
CA PHE A 467 34.19 -41.20 -4.61
C PHE A 467 34.98 -42.02 -5.67
N LYS A 468 36.08 -42.60 -5.24
CA LYS A 468 36.74 -43.66 -5.99
C LYS A 468 36.08 -44.95 -5.55
N ILE A 469 35.39 -45.60 -6.48
CA ILE A 469 34.72 -46.84 -6.21
C ILE A 469 35.70 -47.95 -6.65
N TYR A 470 36.04 -48.84 -5.72
CA TYR A 470 37.14 -49.79 -5.92
C TYR A 470 36.69 -51.12 -6.54
N HIS A 471 35.71 -51.06 -7.44
CA HIS A 471 35.29 -52.23 -8.17
C HIS A 471 34.73 -51.83 -9.50
N LYS A 472 34.62 -52.79 -10.40
CA LYS A 472 34.00 -52.52 -11.67
C LYS A 472 32.56 -52.15 -11.40
N CYS A 473 32.14 -51.02 -11.94
CA CYS A 473 30.78 -50.53 -11.64
C CYS A 473 30.23 -49.97 -12.93
N ASP A 474 29.55 -50.85 -13.68
CA ASP A 474 28.98 -50.52 -14.97
C ASP A 474 27.74 -49.60 -14.85
N ASN A 475 27.10 -49.31 -15.97
CA ASN A 475 26.02 -48.33 -15.96
C ASN A 475 24.86 -48.70 -15.05
N ALA A 476 24.52 -49.99 -15.04
CA ALA A 476 23.50 -50.50 -14.15
C ALA A 476 23.91 -50.38 -12.68
N CYS A 477 25.19 -50.61 -12.40
CA CYS A 477 25.70 -50.50 -11.03
C CYS A 477 25.60 -49.06 -10.55
N ILE A 478 26.04 -48.12 -11.38
CA ILE A 478 25.98 -46.71 -11.04
C ILE A 478 24.52 -46.32 -10.82
N GLY A 479 23.65 -46.79 -11.70
CA GLY A 479 22.21 -46.60 -11.57
C GLY A 479 21.66 -47.09 -10.25
N SER A 480 22.14 -48.23 -9.77
CA SER A 480 21.70 -48.78 -8.49
C SER A 480 22.07 -47.85 -7.33
N ILE A 481 23.21 -47.17 -7.45
CA ILE A 481 23.65 -46.20 -6.44
C ILE A 481 22.75 -44.98 -6.50
N ARG A 482 22.53 -44.46 -7.69
CA ARG A 482 21.65 -43.30 -7.85
C ARG A 482 20.21 -43.56 -7.38
N ASN A 483 19.73 -44.78 -7.62
CA ASN A 483 18.38 -45.22 -7.23
C ASN A 483 18.26 -45.66 -5.79
N GLY A 484 19.38 -45.83 -5.11
CA GLY A 484 19.36 -46.25 -3.71
C GLY A 484 19.13 -47.72 -3.50
N THR A 485 19.47 -48.56 -4.49
CA THR A 485 19.33 -50.02 -4.39
C THR A 485 20.67 -50.78 -4.44
N TYR A 486 21.78 -50.06 -4.41
CA TYR A 486 23.11 -50.66 -4.44
C TYR A 486 23.33 -51.55 -3.23
N ASP A 487 23.77 -52.78 -3.48
CA ASP A 487 24.03 -53.74 -2.42
C ASP A 487 25.54 -53.85 -2.25
N HIS A 488 26.07 -53.20 -1.21
CA HIS A 488 27.51 -53.15 -1.00
C HIS A 488 28.11 -54.52 -0.78
N ASP A 489 27.34 -55.45 -0.22
CA ASP A 489 27.85 -56.80 0.05
C ASP A 489 28.29 -57.54 -1.21
N VAL A 490 27.55 -57.32 -2.30
CA VAL A 490 27.84 -57.94 -3.59
C VAL A 490 29.26 -57.64 -4.07
N TYR A 491 29.76 -56.44 -3.79
CA TYR A 491 31.06 -55.98 -4.32
C TYR A 491 32.19 -55.92 -3.30
N ARG A 492 31.89 -56.21 -2.04
CA ARG A 492 32.81 -55.90 -0.96
C ARG A 492 34.14 -56.67 -1.05
N ASP A 493 34.08 -57.96 -1.38
CA ASP A 493 35.30 -58.75 -1.53
C ASP A 493 36.19 -58.13 -2.61
N GLU A 494 35.61 -57.83 -3.76
CA GLU A 494 36.35 -57.20 -4.86
C GLU A 494 36.92 -55.87 -4.40
N ALA A 495 36.09 -55.04 -3.76
CA ALA A 495 36.54 -53.70 -3.37
C ALA A 495 37.66 -53.76 -2.33
N LEU A 496 37.52 -54.62 -1.33
CA LEU A 496 38.52 -54.67 -0.25
C LEU A 496 39.88 -55.14 -0.76
N ASN A 497 39.87 -56.11 -1.68
CA ASN A 497 41.12 -56.56 -2.31
CA ASN A 497 41.10 -56.56 -2.30
C ASN A 497 41.78 -55.42 -3.05
N ASN A 498 40.99 -54.63 -3.78
CA ASN A 498 41.53 -53.51 -4.53
C ASN A 498 42.03 -52.36 -3.64
N ARG A 499 41.30 -52.08 -2.56
CA ARG A 499 41.68 -50.99 -1.65
C ARG A 499 42.93 -51.28 -0.87
N PHE A 500 42.98 -52.46 -0.27
CA PHE A 500 44.04 -52.81 0.66
C PHE A 500 45.03 -53.78 0.04
N GLN A 501 45.25 -53.65 -1.27
CA GLN A 501 46.37 -54.32 -1.96
C GLN A 501 47.66 -53.59 -1.62
N ILE A 502 48.77 -54.31 -1.63
CA ILE A 502 50.08 -53.69 -1.40
C ILE A 502 50.81 -53.55 -2.75
N LYS A 503 51.12 -52.30 -3.12
CA LYS A 503 51.84 -52.00 -4.35
C LYS A 503 53.33 -51.81 -4.05
#